data_7WAN
#
_entry.id   7WAN
#
_cell.length_a   43.906
_cell.length_b   72.764
_cell.length_c   44.432
_cell.angle_alpha   90.000
_cell.angle_beta   109.300
_cell.angle_gamma   90.000
#
_symmetry.space_group_name_H-M   'P 1 21 1'
#
loop_
_entity.id
_entity.type
_entity.pdbx_description
1 polymer 'Haloalkane dehalogenase'
2 non-polymer (R)-[4-(2-azanylhydrazinyl)phenyl]-[2-[2-(2-hexoxyethoxy)ethoxy]ethylamino]methanol
3 non-polymer 'CHLORIDE ION'
4 water water
#
_entity_poly.entity_id   1
_entity_poly.type   'polypeptide(L)'
_entity_poly.pdbx_seq_one_letter_code
;SGSAEIGTGFPFDPHYVEVLGERMHYVDVGPRDGTPVLFLHGNPTSSYVWRNIIPHVAPTHRCIAPDLIGMGKSDKPDLG
YFFDDHVRFMDAFIEALGLEEVVLVIHDWGSALGFHWAKRNPERVKGIAFMEFIRPIPTWDEWPEFARETFQAFRTTDVG
RKLIIDQNVFIEGTLPCGVVRPLTEVEMDHYREPFLNPVDREPLWRFPNELPIAGEPANIVALVEEYMDWLHQSPVPKLL
FWGTPGVLIPPAEAARLAKSLPNCKAVDIGPGLNLLQEDNPDLIGSEIARWLSTLEISG
;
_entity_poly.pdbx_strand_id   A
#
loop_
_chem_comp.id
_chem_comp.type
_chem_comp.name
_chem_comp.formula
8MS non-polymer (R)-[4-(2-azanylhydrazinyl)phenyl]-[2-[2-(2-hexoxyethoxy)ethoxy]ethylamino]methanol 'C19 H36 N4 O4'
CL non-polymer 'CHLORIDE ION' 'Cl -1'
#
# COMPACT_ATOMS: atom_id res chain seq x y z
N ILE A 6 14.73 12.02 -9.24
CA ILE A 6 13.95 11.33 -8.22
C ILE A 6 14.88 10.85 -7.11
N GLY A 7 14.52 11.19 -5.86
CA GLY A 7 15.41 10.93 -4.75
C GLY A 7 15.52 9.45 -4.43
N THR A 8 16.74 9.03 -4.09
CA THR A 8 17.01 7.67 -3.66
C THR A 8 17.18 7.55 -2.15
N GLY A 9 17.48 8.66 -1.46
CA GLY A 9 17.77 8.59 -0.05
C GLY A 9 16.52 8.49 0.81
N PHE A 10 16.73 7.95 2.01
CA PHE A 10 15.66 7.78 3.01
C PHE A 10 16.07 8.58 4.24
N PRO A 11 15.88 9.91 4.23
CA PRO A 11 16.36 10.78 5.33
C PRO A 11 15.30 10.98 6.40
N PHE A 12 15.09 9.95 7.22
CA PHE A 12 14.08 10.00 8.27
C PHE A 12 14.63 9.33 9.52
N ASP A 13 14.52 10.02 10.65
CA ASP A 13 14.91 9.42 11.90
C ASP A 13 13.95 8.27 12.23
N PRO A 14 14.47 7.13 12.68
CA PRO A 14 13.58 5.99 12.96
C PRO A 14 12.76 6.23 14.21
N HIS A 15 11.48 5.86 14.14
CA HIS A 15 10.65 5.83 15.32
C HIS A 15 10.13 4.42 15.54
N TYR A 16 9.98 4.02 16.80
CA TYR A 16 9.57 2.67 17.14
C TYR A 16 8.49 2.71 18.20
N VAL A 17 7.49 1.85 18.03
CA VAL A 17 6.42 1.70 19.02
C VAL A 17 6.17 0.22 19.23
N GLU A 18 5.82 -0.15 20.47
CA GLU A 18 5.53 -1.53 20.81
C GLU A 18 4.07 -1.83 20.50
N VAL A 19 3.84 -2.96 19.83
CA VAL A 19 2.52 -3.36 19.38
C VAL A 19 2.43 -4.88 19.44
N LEU A 20 1.55 -5.38 20.31
CA LEU A 20 1.26 -6.82 20.42
C LEU A 20 2.52 -7.65 20.65
N GLY A 21 3.50 -7.08 21.36
CA GLY A 21 4.71 -7.79 21.69
C GLY A 21 5.86 -7.58 20.72
N GLU A 22 5.63 -6.91 19.60
CA GLU A 22 6.66 -6.65 18.60
C GLU A 22 6.95 -5.16 18.55
N ARG A 23 8.05 -4.80 17.89
CA ARG A 23 8.41 -3.41 17.70
C ARG A 23 8.18 -3.03 16.25
N MET A 24 7.35 -2.01 16.03
CA MET A 24 7.07 -1.50 14.69
C MET A 24 7.80 -0.18 14.48
N HIS A 25 8.42 -0.05 13.31
CA HIS A 25 9.11 1.16 12.91
C HIS A 25 8.19 2.03 12.07
N TYR A 26 8.35 3.34 12.23
CA TYR A 26 7.58 4.31 11.47
C TYR A 26 8.34 5.61 11.36
N VAL A 27 8.08 6.30 10.26
CA VAL A 27 8.49 7.69 10.03
C VAL A 27 7.42 8.59 10.64
N ASP A 28 7.87 9.67 11.29
CA ASP A 28 6.97 10.62 11.93
C ASP A 28 7.60 11.99 11.80
N VAL A 29 7.12 12.78 10.84
CA VAL A 29 7.66 14.11 10.60
C VAL A 29 6.51 15.11 10.48
N GLY A 30 6.87 16.39 10.37
CA GLY A 30 5.90 17.45 10.29
C GLY A 30 5.46 17.93 11.66
N PRO A 31 4.50 18.86 11.67
CA PRO A 31 4.05 19.44 12.95
C PRO A 31 3.33 18.41 13.81
N ARG A 32 3.53 18.52 15.13
CA ARG A 32 2.95 17.56 16.06
C ARG A 32 1.43 17.67 16.12
N ASP A 33 0.89 18.88 15.91
CA ASP A 33 -0.53 19.13 16.04
C ASP A 33 -1.25 18.86 14.73
N GLY A 34 -2.57 19.03 14.75
CA GLY A 34 -3.37 18.90 13.55
C GLY A 34 -3.74 17.46 13.23
N THR A 35 -4.53 17.31 12.18
CA THR A 35 -4.93 15.99 11.72
C THR A 35 -3.75 15.30 11.05
N PRO A 36 -3.35 14.11 11.49
CA PRO A 36 -2.24 13.42 10.86
C PRO A 36 -2.62 12.79 9.53
N VAL A 37 -1.62 12.69 8.66
CA VAL A 37 -1.74 11.99 7.39
C VAL A 37 -0.96 10.69 7.51
N LEU A 38 -1.66 9.57 7.34
CA LEU A 38 -1.14 8.23 7.56
C LEU A 38 -0.90 7.57 6.22
N PHE A 39 0.35 7.21 5.94
CA PHE A 39 0.76 6.61 4.68
C PHE A 39 0.92 5.11 4.88
N LEU A 40 0.20 4.33 4.07
CA LEU A 40 0.22 2.86 4.17
C LEU A 40 0.75 2.27 2.87
N HIS A 41 1.88 1.59 2.96
CA HIS A 41 2.48 0.87 1.86
C HIS A 41 1.94 -0.56 1.80
N GLY A 42 2.35 -1.30 0.77
CA GLY A 42 1.93 -2.67 0.58
C GLY A 42 3.11 -3.57 0.27
N ASN A 43 2.85 -4.59 -0.55
CA ASN A 43 3.80 -5.61 -0.98
C ASN A 43 4.49 -5.17 -2.27
N PRO A 44 5.82 -5.27 -2.40
CA PRO A 44 6.86 -5.72 -1.48
C PRO A 44 7.69 -4.58 -0.90
N THR A 45 7.03 -3.46 -0.58
CA THR A 45 7.75 -2.24 -0.25
C THR A 45 7.79 -1.97 1.24
N SER A 46 7.90 -0.69 1.59
CA SER A 46 7.97 -0.20 2.97
C SER A 46 7.74 1.30 2.90
N SER A 47 7.96 1.99 4.03
CA SER A 47 7.81 3.45 4.02
C SER A 47 8.77 4.11 3.04
N TYR A 48 9.80 3.40 2.59
CA TYR A 48 10.70 3.92 1.56
C TYR A 48 9.94 4.33 0.30
N VAL A 49 8.78 3.70 0.04
CA VAL A 49 8.01 4.05 -1.15
C VAL A 49 7.36 5.41 -1.03
N TRP A 50 7.29 5.99 0.16
CA TRP A 50 6.73 7.32 0.36
C TRP A 50 7.81 8.39 0.55
N ARG A 51 9.08 8.05 0.31
CA ARG A 51 10.16 8.96 0.65
C ARG A 51 10.09 10.28 -0.13
N ASN A 52 9.58 10.24 -1.36
CA ASN A 52 9.56 11.41 -2.22
C ASN A 52 8.20 12.10 -2.25
N ILE A 53 7.20 11.55 -1.56
CA ILE A 53 5.87 12.12 -1.53
C ILE A 53 5.61 12.88 -0.22
N ILE A 54 6.08 12.31 0.88
CA ILE A 54 5.99 12.91 2.22
C ILE A 54 6.54 14.34 2.24
N PRO A 55 7.67 14.66 1.61
CA PRO A 55 8.20 16.03 1.71
C PRO A 55 7.30 17.10 1.12
N HIS A 56 6.34 16.75 0.26
CA HIS A 56 5.35 17.71 -0.19
C HIS A 56 4.27 17.97 0.84
N VAL A 57 4.14 17.08 1.83
CA VAL A 57 3.09 17.18 2.83
C VAL A 57 3.62 17.58 4.20
N ALA A 58 4.85 17.19 4.54
CA ALA A 58 5.37 17.49 5.87
C ALA A 58 5.47 18.97 6.21
N PRO A 59 5.63 19.92 5.28
CA PRO A 59 5.67 21.33 5.71
C PRO A 59 4.45 21.78 6.47
N THR A 60 3.26 21.27 6.15
CA THR A 60 2.02 21.77 6.74
C THR A 60 1.20 20.72 7.47
N HIS A 61 1.55 19.43 7.36
CA HIS A 61 0.78 18.38 7.99
C HIS A 61 1.71 17.32 8.55
N ARG A 62 1.29 16.71 9.66
CA ARG A 62 2.02 15.60 10.24
C ARG A 62 1.94 14.40 9.30
N CYS A 63 3.08 13.76 9.05
CA CYS A 63 3.17 12.56 8.23
C CYS A 63 3.65 11.39 9.07
N ILE A 64 2.83 10.34 9.10
CA ILE A 64 3.12 9.09 9.78
C ILE A 64 3.14 7.99 8.74
N ALA A 65 4.24 7.26 8.66
CA ALA A 65 4.40 6.19 7.67
C ALA A 65 4.97 4.96 8.36
N PRO A 66 4.14 4.00 8.73
CA PRO A 66 4.64 2.79 9.38
C PRO A 66 5.18 1.78 8.37
N ASP A 67 6.10 0.96 8.85
CA ASP A 67 6.50 -0.25 8.15
C ASP A 67 5.63 -1.39 8.68
N LEU A 68 4.95 -2.09 7.77
CA LEU A 68 4.14 -3.23 8.16
C LEU A 68 4.99 -4.23 8.94
N ILE A 69 4.33 -5.01 9.79
CA ILE A 69 5.03 -6.03 10.57
C ILE A 69 5.69 -7.02 9.61
N GLY A 70 6.92 -7.40 9.93
CA GLY A 70 7.70 -8.26 9.07
C GLY A 70 8.33 -7.58 7.87
N MET A 71 8.21 -6.26 7.76
CA MET A 71 8.72 -5.53 6.60
C MET A 71 9.42 -4.27 7.07
N GLY A 72 10.14 -3.63 6.13
CA GLY A 72 10.86 -2.41 6.45
C GLY A 72 11.84 -2.62 7.59
N LYS A 73 11.80 -1.72 8.56
CA LYS A 73 12.59 -1.84 9.78
C LYS A 73 11.79 -2.39 10.95
N SER A 74 10.53 -2.79 10.72
CA SER A 74 9.72 -3.38 11.76
C SER A 74 10.20 -4.78 12.12
N ASP A 75 9.79 -5.25 13.29
CA ASP A 75 10.16 -6.59 13.73
C ASP A 75 9.65 -7.64 12.75
N LYS A 76 10.24 -8.83 12.81
CA LYS A 76 9.92 -9.93 11.90
C LYS A 76 9.66 -11.20 12.69
N PRO A 77 8.54 -11.25 13.43
CA PRO A 77 8.27 -12.44 14.26
C PRO A 77 7.90 -13.66 13.44
N ASP A 78 7.55 -14.75 14.13
CA ASP A 78 7.20 -16.02 13.50
C ASP A 78 5.70 -16.02 13.24
N LEU A 79 5.30 -15.55 12.05
CA LEU A 79 3.90 -15.43 11.70
C LEU A 79 3.66 -16.04 10.32
N GLY A 80 2.38 -16.34 10.04
CA GLY A 80 1.97 -16.61 8.68
C GLY A 80 1.82 -15.35 7.84
N TYR A 81 1.70 -14.20 8.49
CA TYR A 81 1.58 -12.90 7.81
C TYR A 81 0.37 -12.87 6.89
N PHE A 82 -0.73 -13.45 7.35
CA PHE A 82 -2.01 -13.30 6.67
C PHE A 82 -2.46 -11.84 6.75
N PHE A 83 -3.46 -11.50 5.93
CA PHE A 83 -4.00 -10.16 5.97
C PHE A 83 -4.54 -9.82 7.35
N ASP A 84 -5.13 -10.79 8.03
CA ASP A 84 -5.68 -10.55 9.36
C ASP A 84 -4.58 -10.19 10.36
N ASP A 85 -3.40 -10.79 10.23
CA ASP A 85 -2.27 -10.41 11.09
C ASP A 85 -1.94 -8.94 10.93
N HIS A 86 -1.85 -8.49 9.68
CA HIS A 86 -1.57 -7.08 9.41
C HIS A 86 -2.71 -6.19 9.90
N VAL A 87 -3.95 -6.65 9.80
CA VAL A 87 -5.09 -5.90 10.33
C VAL A 87 -4.91 -5.67 11.83
N ARG A 88 -4.65 -6.75 12.56
CA ARG A 88 -4.41 -6.66 14.01
C ARG A 88 -3.30 -5.66 14.31
N PHE A 89 -2.16 -5.82 13.64
CA PHE A 89 -0.99 -5.02 13.96
C PHE A 89 -1.21 -3.55 13.62
N MET A 90 -1.89 -3.26 12.51
CA MET A 90 -2.12 -1.87 12.13
C MET A 90 -3.16 -1.22 13.04
N ASP A 91 -4.21 -1.96 13.43
CA ASP A 91 -5.14 -1.44 14.43
C ASP A 91 -4.42 -1.07 15.71
N ALA A 92 -3.55 -1.96 16.19
CA ALA A 92 -2.83 -1.70 17.43
C ALA A 92 -1.85 -0.53 17.27
N PHE A 93 -1.22 -0.41 16.09
CA PHE A 93 -0.33 0.71 15.84
C PHE A 93 -1.10 2.04 15.89
N ILE A 94 -2.27 2.07 15.24
CA ILE A 94 -3.07 3.29 15.22
C ILE A 94 -3.50 3.67 16.64
N GLU A 95 -3.96 2.68 17.41
CA GLU A 95 -4.37 2.98 18.79
C GLU A 95 -3.19 3.28 19.70
N ALA A 96 -1.97 2.86 19.34
CA ALA A 96 -0.82 3.10 20.19
C ALA A 96 -0.23 4.49 19.98
N LEU A 97 -0.39 5.05 18.78
CA LEU A 97 0.00 6.43 18.54
C LEU A 97 -1.07 7.42 18.99
N GLY A 98 -2.19 6.94 19.51
CA GLY A 98 -3.23 7.81 20.01
C GLY A 98 -3.96 8.59 18.94
N LEU A 99 -4.03 8.08 17.72
CA LEU A 99 -4.68 8.80 16.64
C LEU A 99 -6.20 8.71 16.77
N GLU A 100 -6.86 9.84 16.57
CA GLU A 100 -8.32 9.86 16.53
C GLU A 100 -8.77 10.04 15.08
N GLU A 101 -8.67 11.26 14.58
CA GLU A 101 -8.98 11.56 13.18
C GLU A 101 -7.73 11.45 12.33
N VAL A 102 -7.86 10.86 11.14
CA VAL A 102 -6.73 10.68 10.23
C VAL A 102 -7.17 10.94 8.80
N VAL A 103 -6.22 11.36 7.98
CA VAL A 103 -6.35 11.32 6.52
C VAL A 103 -5.50 10.14 6.05
N LEU A 104 -6.02 9.34 5.12
CA LEU A 104 -5.34 8.13 4.66
C LEU A 104 -4.74 8.35 3.28
N VAL A 105 -3.48 7.94 3.11
CA VAL A 105 -2.81 7.87 1.81
C VAL A 105 -2.28 6.45 1.69
N ILE A 106 -2.90 5.64 0.83
CA ILE A 106 -2.74 4.20 0.91
C ILE A 106 -2.45 3.60 -0.46
N HIS A 107 -1.73 2.48 -0.47
CA HIS A 107 -1.31 1.83 -1.70
C HIS A 107 -1.21 0.33 -1.50
N ASP A 108 -1.67 -0.42 -2.51
CA ASP A 108 -1.49 -1.88 -2.59
C ASP A 108 -2.17 -2.50 -1.36
N TRP A 109 -1.51 -3.41 -0.64
CA TRP A 109 -2.15 -4.01 0.53
C TRP A 109 -2.42 -2.98 1.62
N GLY A 110 -1.58 -1.94 1.71
CA GLY A 110 -1.89 -0.85 2.62
C GLY A 110 -3.26 -0.27 2.37
N SER A 111 -3.66 -0.18 1.09
CA SER A 111 -5.00 0.29 0.78
C SER A 111 -6.04 -0.63 1.39
N ALA A 112 -5.85 -1.94 1.23
CA ALA A 112 -6.77 -2.89 1.86
C ALA A 112 -6.81 -2.67 3.37
N LEU A 113 -5.67 -2.30 3.96
CA LEU A 113 -5.66 -2.01 5.40
C LEU A 113 -6.39 -0.72 5.69
N GLY A 114 -6.21 0.31 4.85
CA GLY A 114 -6.83 1.59 5.10
C GLY A 114 -8.33 1.52 4.92
N PHE A 115 -8.76 1.05 3.75
CA PHE A 115 -10.19 0.91 3.46
C PHE A 115 -10.89 0.08 4.53
N HIS A 116 -10.36 -1.11 4.83
CA HIS A 116 -10.98 -1.96 5.84
C HIS A 116 -11.00 -1.29 7.21
N TRP A 117 -10.00 -0.46 7.51
CA TRP A 117 -10.07 0.33 8.72
C TRP A 117 -11.14 1.41 8.59
N ALA A 118 -11.15 2.10 7.45
CA ALA A 118 -12.09 3.19 7.24
C ALA A 118 -13.53 2.71 7.36
N LYS A 119 -13.84 1.57 6.76
CA LYS A 119 -15.20 1.03 6.84
C LYS A 119 -15.61 0.81 8.29
N ARG A 120 -14.67 0.41 9.14
CA ARG A 120 -15.00 0.14 10.54
C ARG A 120 -14.96 1.39 11.41
N ASN A 121 -14.29 2.44 10.96
CA ASN A 121 -14.21 3.70 11.70
C ASN A 121 -14.48 4.87 10.75
N PRO A 122 -15.68 4.96 10.18
CA PRO A 122 -15.94 5.99 9.17
C PRO A 122 -15.91 7.40 9.75
N GLU A 123 -16.28 7.56 11.02
CA GLU A 123 -16.26 8.87 11.66
C GLU A 123 -14.84 9.39 11.90
N ARG A 124 -13.83 8.53 11.79
CA ARG A 124 -12.46 8.91 12.09
C ARG A 124 -11.63 9.19 10.85
N VAL A 125 -12.20 9.06 9.66
CA VAL A 125 -11.48 9.28 8.40
C VAL A 125 -11.97 10.58 7.79
N LYS A 126 -11.06 11.54 7.64
CA LYS A 126 -11.39 12.83 7.05
C LYS A 126 -11.07 12.90 5.55
N GLY A 127 -10.32 11.95 5.03
CA GLY A 127 -10.01 11.89 3.62
C GLY A 127 -9.22 10.65 3.28
N ILE A 128 -9.33 10.17 2.05
CA ILE A 128 -8.57 9.01 1.59
C ILE A 128 -7.98 9.33 0.22
N ALA A 129 -6.66 9.28 0.13
CA ALA A 129 -5.96 9.30 -1.14
C ALA A 129 -5.40 7.90 -1.39
N PHE A 130 -5.72 7.33 -2.55
CA PHE A 130 -5.36 5.95 -2.84
C PHE A 130 -4.97 5.79 -4.31
N MET A 131 -4.34 4.66 -4.60
CA MET A 131 -3.77 4.34 -5.89
C MET A 131 -3.43 2.86 -5.91
N GLU A 132 -3.62 2.22 -7.08
CA GLU A 132 -3.27 0.82 -7.30
C GLU A 132 -3.66 -0.06 -6.11
N PHE A 133 -4.94 0.01 -5.76
CA PHE A 133 -5.46 -0.56 -4.54
C PHE A 133 -6.05 -1.95 -4.77
N ILE A 134 -6.36 -2.62 -3.67
CA ILE A 134 -6.89 -3.98 -3.70
C ILE A 134 -8.40 -3.92 -3.94
N ARG A 135 -8.84 -4.53 -5.04
CA ARG A 135 -10.24 -4.62 -5.40
C ARG A 135 -10.56 -6.07 -5.74
N PRO A 136 -11.84 -6.46 -5.67
CA PRO A 136 -12.18 -7.85 -5.97
C PRO A 136 -11.97 -8.17 -7.44
N ILE A 137 -11.38 -9.34 -7.70
CA ILE A 137 -11.17 -9.83 -9.05
C ILE A 137 -11.98 -11.12 -9.18
N PRO A 138 -13.23 -11.07 -9.64
CA PRO A 138 -14.09 -12.26 -9.58
C PRO A 138 -13.63 -13.39 -10.50
N THR A 139 -12.98 -13.09 -11.62
CA THR A 139 -12.41 -14.11 -12.48
C THR A 139 -10.97 -13.73 -12.82
N TRP A 140 -10.18 -14.74 -13.20
CA TRP A 140 -8.80 -14.49 -13.58
C TRP A 140 -8.70 -13.68 -14.86
N ASP A 141 -9.78 -13.59 -15.64
CA ASP A 141 -9.77 -12.80 -16.86
C ASP A 141 -9.63 -11.31 -16.56
N GLU A 142 -10.13 -10.87 -15.41
CA GLU A 142 -10.01 -9.47 -15.03
C GLU A 142 -8.65 -9.13 -14.46
N TRP A 143 -7.79 -10.11 -14.22
CA TRP A 143 -6.41 -9.86 -13.83
C TRP A 143 -5.57 -9.54 -15.07
N PRO A 144 -4.60 -8.65 -14.96
CA PRO A 144 -3.78 -8.30 -16.13
C PRO A 144 -3.14 -9.51 -16.77
N GLU A 145 -3.25 -9.58 -18.10
CA GLU A 145 -2.72 -10.71 -18.87
C GLU A 145 -1.23 -10.91 -18.63
N PHE A 146 -0.46 -9.82 -18.63
CA PHE A 146 0.99 -9.91 -18.51
C PHE A 146 1.45 -10.37 -17.14
N ALA A 147 0.58 -10.41 -16.14
CA ALA A 147 0.93 -10.90 -14.82
C ALA A 147 0.20 -12.20 -14.46
N ARG A 148 -0.63 -12.71 -15.37
CA ARG A 148 -1.49 -13.84 -15.06
C ARG A 148 -0.67 -15.09 -14.72
N GLU A 149 0.22 -15.49 -15.62
CA GLU A 149 1.00 -16.71 -15.42
C GLU A 149 1.84 -16.62 -14.15
N THR A 150 2.52 -15.49 -13.96
CA THR A 150 3.40 -15.33 -12.82
C THR A 150 2.64 -15.36 -11.50
N PHE A 151 1.50 -14.67 -11.42
CA PHE A 151 0.78 -14.64 -10.16
C PHE A 151 -0.02 -15.91 -9.92
N GLN A 152 -0.37 -16.66 -10.97
CA GLN A 152 -0.92 -17.99 -10.76
C GLN A 152 0.16 -18.94 -10.23
N ALA A 153 1.38 -18.82 -10.74
CA ALA A 153 2.47 -19.63 -10.20
C ALA A 153 2.79 -19.24 -8.76
N PHE A 154 2.65 -17.95 -8.43
CA PHE A 154 2.91 -17.49 -7.06
C PHE A 154 1.96 -18.14 -6.06
N ARG A 155 0.72 -18.42 -6.48
CA ARG A 155 -0.31 -18.89 -5.57
C ARG A 155 -0.29 -20.41 -5.40
N THR A 156 0.91 -20.96 -5.19
CA THR A 156 1.11 -22.37 -4.87
C THR A 156 2.15 -22.49 -3.77
N THR A 157 2.17 -23.66 -3.12
CA THR A 157 3.12 -23.90 -2.03
C THR A 157 4.41 -24.56 -2.49
N ASP A 158 4.52 -24.98 -3.75
CA ASP A 158 5.76 -25.54 -4.25
C ASP A 158 6.49 -24.52 -5.11
N VAL A 159 5.97 -24.23 -6.30
CA VAL A 159 6.62 -23.30 -7.22
C VAL A 159 6.58 -21.88 -6.67
N GLY A 160 5.45 -21.48 -6.09
CA GLY A 160 5.34 -20.12 -5.58
C GLY A 160 6.34 -19.82 -4.49
N ARG A 161 6.46 -20.72 -3.52
CA ARG A 161 7.45 -20.54 -2.46
C ARG A 161 8.87 -20.66 -3.00
N LYS A 162 9.09 -21.51 -4.00
CA LYS A 162 10.42 -21.61 -4.59
C LYS A 162 10.84 -20.29 -5.25
N LEU A 163 9.92 -19.67 -5.98
CA LEU A 163 10.22 -18.41 -6.65
C LEU A 163 10.39 -17.29 -5.63
N ILE A 164 9.42 -17.13 -4.72
CA ILE A 164 9.38 -15.95 -3.88
C ILE A 164 10.30 -16.10 -2.67
N ILE A 165 10.31 -17.27 -2.03
CA ILE A 165 11.07 -17.42 -0.79
C ILE A 165 12.53 -17.71 -1.07
N ASP A 166 12.81 -18.68 -1.93
CA ASP A 166 14.18 -19.14 -2.15
C ASP A 166 14.94 -18.27 -3.15
N GLN A 167 14.31 -17.88 -4.25
CA GLN A 167 14.98 -17.13 -5.31
C GLN A 167 14.69 -15.64 -5.27
N ASN A 168 13.83 -15.18 -4.36
CA ASN A 168 13.54 -13.76 -4.16
C ASN A 168 12.99 -13.11 -5.43
N VAL A 169 12.20 -13.87 -6.18
CA VAL A 169 11.71 -13.39 -7.48
C VAL A 169 10.81 -12.17 -7.32
N PHE A 170 10.10 -12.07 -6.19
CA PHE A 170 9.19 -10.93 -6.02
C PHE A 170 9.95 -9.62 -5.85
N ILE A 171 11.15 -9.66 -5.28
CA ILE A 171 11.97 -8.46 -5.12
C ILE A 171 12.80 -8.18 -6.37
N GLU A 172 13.47 -9.21 -6.89
CA GLU A 172 14.38 -9.03 -8.02
C GLU A 172 13.66 -8.91 -9.35
N GLY A 173 12.44 -9.43 -9.47
CA GLY A 173 11.76 -9.41 -10.74
C GLY A 173 10.43 -8.66 -10.72
N THR A 174 9.52 -9.07 -9.84
CA THR A 174 8.17 -8.49 -9.85
C THR A 174 8.20 -7.02 -9.46
N LEU A 175 9.03 -6.66 -8.48
CA LEU A 175 9.08 -5.26 -8.04
C LEU A 175 9.53 -4.31 -9.16
N PRO A 176 10.66 -4.52 -9.84
CA PRO A 176 11.03 -3.59 -10.92
C PRO A 176 10.12 -3.65 -12.13
N CYS A 177 9.38 -4.75 -12.34
CA CYS A 177 8.35 -4.77 -13.38
C CYS A 177 7.07 -4.05 -12.97
N GLY A 178 6.97 -3.58 -11.73
CA GLY A 178 5.89 -2.71 -11.32
C GLY A 178 6.21 -1.24 -11.43
N VAL A 179 7.32 -0.90 -12.08
CA VAL A 179 7.75 0.48 -12.30
C VAL A 179 8.11 0.63 -13.77
N VAL A 180 7.65 1.72 -14.39
CA VAL A 180 7.96 1.96 -15.79
C VAL A 180 9.43 2.33 -15.96
N ARG A 181 9.87 3.35 -15.23
CA ARG A 181 11.25 3.78 -15.33
C ARG A 181 12.17 2.78 -14.63
N PRO A 182 13.45 2.71 -15.03
CA PRO A 182 14.38 1.79 -14.37
C PRO A 182 14.69 2.24 -12.96
N LEU A 183 14.63 1.30 -12.02
CA LEU A 183 15.06 1.56 -10.65
C LEU A 183 16.59 1.48 -10.59
N THR A 184 17.18 2.40 -9.83
CA THR A 184 18.62 2.39 -9.65
C THR A 184 19.02 1.32 -8.63
N GLU A 185 20.33 1.04 -8.58
CA GLU A 185 20.83 0.02 -7.66
C GLU A 185 20.66 0.45 -6.20
N VAL A 186 20.72 1.77 -5.93
CA VAL A 186 20.52 2.25 -4.57
C VAL A 186 19.09 1.96 -4.10
N GLU A 187 18.11 2.32 -4.94
CA GLU A 187 16.72 2.03 -4.61
C GLU A 187 16.49 0.53 -4.48
N MET A 188 17.09 -0.25 -5.40
CA MET A 188 16.95 -1.70 -5.32
C MET A 188 17.51 -2.25 -4.01
N ASP A 189 18.63 -1.68 -3.54
CA ASP A 189 19.19 -2.12 -2.27
C ASP A 189 18.30 -1.74 -1.10
N HIS A 190 17.68 -0.55 -1.18
CA HIS A 190 16.74 -0.16 -0.13
C HIS A 190 15.54 -1.11 -0.06
N TYR A 191 15.09 -1.58 -1.22
CA TYR A 191 14.01 -2.57 -1.25
C TYR A 191 14.47 -3.97 -0.87
N ARG A 192 15.74 -4.29 -1.09
CA ARG A 192 16.26 -5.62 -0.73
C ARG A 192 16.55 -5.74 0.76
N GLU A 193 16.95 -4.64 1.41
CA GLU A 193 17.43 -4.66 2.79
C GLU A 193 16.62 -5.51 3.76
N PRO A 194 15.29 -5.39 3.86
CA PRO A 194 14.56 -6.17 4.87
C PRO A 194 14.47 -7.66 4.58
N PHE A 195 14.88 -8.11 3.38
CA PHE A 195 14.64 -9.49 2.99
C PHE A 195 15.91 -10.21 2.56
N LEU A 196 17.08 -9.72 2.99
CA LEU A 196 18.33 -10.39 2.65
C LEU A 196 18.35 -11.84 3.15
N ASN A 197 17.68 -12.11 4.26
CA ASN A 197 17.61 -13.46 4.82
C ASN A 197 16.35 -14.14 4.30
N PRO A 198 16.46 -15.25 3.55
CA PRO A 198 15.27 -15.85 2.92
C PRO A 198 14.14 -16.19 3.88
N VAL A 199 14.44 -16.59 5.12
CA VAL A 199 13.40 -16.94 6.07
C VAL A 199 12.53 -15.73 6.41
N ASP A 200 13.00 -14.53 6.13
CA ASP A 200 12.22 -13.31 6.35
C ASP A 200 11.32 -12.96 5.16
N ARG A 201 11.18 -13.86 4.19
CA ARG A 201 10.40 -13.55 2.99
C ARG A 201 8.99 -14.13 3.01
N GLU A 202 8.51 -14.52 4.19
CA GLU A 202 7.16 -15.08 4.28
C GLU A 202 6.08 -14.10 3.84
N PRO A 203 6.06 -12.83 4.29
CA PRO A 203 5.02 -11.91 3.79
C PRO A 203 5.02 -11.78 2.27
N LEU A 204 6.20 -11.67 1.66
CA LEU A 204 6.29 -11.54 0.20
C LEU A 204 5.56 -12.65 -0.52
N TRP A 205 5.44 -13.82 0.11
CA TRP A 205 4.70 -14.93 -0.49
C TRP A 205 3.25 -14.98 -0.03
N ARG A 206 2.96 -14.59 1.21
CA ARG A 206 1.59 -14.73 1.69
C ARG A 206 0.70 -13.61 1.14
N PHE A 207 1.28 -12.45 0.84
CA PHE A 207 0.51 -11.34 0.28
C PHE A 207 -0.14 -11.71 -1.05
N PRO A 208 0.58 -12.17 -2.08
CA PRO A 208 -0.11 -12.55 -3.33
C PRO A 208 -1.05 -13.72 -3.15
N ASN A 209 -0.86 -14.52 -2.10
CA ASN A 209 -1.76 -15.62 -1.80
C ASN A 209 -2.99 -15.17 -1.02
N GLU A 210 -3.03 -13.92 -0.57
CA GLU A 210 -4.22 -13.31 0.00
C GLU A 210 -5.00 -12.46 -0.99
N LEU A 211 -4.45 -12.23 -2.19
CA LEU A 211 -5.13 -11.44 -3.19
C LEU A 211 -6.51 -12.02 -3.48
N PRO A 212 -7.56 -11.21 -3.56
CA PRO A 212 -8.93 -11.70 -3.84
C PRO A 212 -9.17 -11.91 -5.33
N ILE A 213 -8.78 -13.08 -5.83
CA ILE A 213 -8.92 -13.44 -7.22
C ILE A 213 -9.74 -14.73 -7.31
N ALA A 214 -10.84 -14.67 -8.08
CA ALA A 214 -11.66 -15.85 -8.38
C ALA A 214 -12.15 -16.54 -7.11
N GLY A 215 -12.64 -15.74 -6.17
CA GLY A 215 -13.28 -16.27 -4.98
C GLY A 215 -12.35 -16.78 -3.90
N GLU A 216 -11.05 -16.88 -4.17
CA GLU A 216 -10.10 -17.40 -3.19
C GLU A 216 -9.08 -16.31 -2.84
N PRO A 217 -8.81 -16.08 -1.55
CA PRO A 217 -9.46 -16.76 -0.43
C PRO A 217 -10.81 -16.12 -0.10
N ALA A 218 -11.76 -16.93 0.37
CA ALA A 218 -13.14 -16.47 0.54
C ALA A 218 -13.22 -15.29 1.49
N ASN A 219 -12.50 -15.36 2.62
CA ASN A 219 -12.57 -14.30 3.62
C ASN A 219 -12.12 -12.97 3.05
N ILE A 220 -11.01 -12.96 2.29
CA ILE A 220 -10.51 -11.71 1.73
C ILE A 220 -11.47 -11.18 0.67
N VAL A 221 -12.08 -12.08 -0.11
CA VAL A 221 -13.06 -11.63 -1.10
C VAL A 221 -14.23 -10.94 -0.42
N ALA A 222 -14.76 -11.56 0.64
CA ALA A 222 -15.86 -10.95 1.37
C ALA A 222 -15.46 -9.58 1.94
N LEU A 223 -14.29 -9.52 2.59
CA LEU A 223 -13.83 -8.29 3.23
C LEU A 223 -13.64 -7.15 2.21
N VAL A 224 -13.02 -7.46 1.07
CA VAL A 224 -12.72 -6.44 0.08
C VAL A 224 -13.99 -5.98 -0.62
N GLU A 225 -14.86 -6.94 -0.99
CA GLU A 225 -16.19 -6.58 -1.47
C GLU A 225 -16.89 -5.65 -0.49
N GLU A 226 -16.77 -5.93 0.81
CA GLU A 226 -17.44 -5.12 1.83
C GLU A 226 -16.94 -3.68 1.80
N TYR A 227 -15.62 -3.49 1.87
CA TYR A 227 -15.16 -2.11 1.93
C TYR A 227 -15.33 -1.38 0.61
N MET A 228 -15.39 -2.10 -0.52
CA MET A 228 -15.75 -1.44 -1.77
C MET A 228 -17.20 -0.98 -1.77
N ASP A 229 -18.10 -1.84 -1.27
CA ASP A 229 -19.50 -1.44 -1.13
C ASP A 229 -19.63 -0.22 -0.25
N TRP A 230 -18.88 -0.19 0.85
CA TRP A 230 -18.91 0.97 1.74
C TRP A 230 -18.40 2.22 1.03
N LEU A 231 -17.27 2.10 0.33
CA LEU A 231 -16.67 3.24 -0.36
C LEU A 231 -17.63 3.83 -1.39
N HIS A 232 -18.38 2.98 -2.08
CA HIS A 232 -19.27 3.46 -3.14
C HIS A 232 -20.40 4.34 -2.63
N GLN A 233 -20.67 4.36 -1.32
CA GLN A 233 -21.70 5.23 -0.77
C GLN A 233 -21.17 6.14 0.32
N SER A 234 -19.85 6.20 0.50
CA SER A 234 -19.29 7.02 1.56
C SER A 234 -19.12 8.47 1.09
N PRO A 235 -19.50 9.46 1.90
CA PRO A 235 -19.22 10.85 1.56
C PRO A 235 -17.79 11.29 1.83
N VAL A 236 -16.91 10.37 2.23
CA VAL A 236 -15.53 10.75 2.54
C VAL A 236 -14.87 11.32 1.29
N PRO A 237 -14.12 12.42 1.40
CA PRO A 237 -13.41 12.93 0.22
C PRO A 237 -12.36 11.95 -0.25
N LYS A 238 -12.29 11.76 -1.56
CA LYS A 238 -11.45 10.73 -2.17
C LYS A 238 -10.54 11.36 -3.23
N LEU A 239 -9.30 10.86 -3.28
CA LEU A 239 -8.32 11.28 -4.28
C LEU A 239 -7.70 10.03 -4.88
N LEU A 240 -8.10 9.70 -6.11
CA LEU A 240 -7.65 8.48 -6.77
C LEU A 240 -6.58 8.80 -7.81
N PHE A 241 -5.44 8.14 -7.70
CA PHE A 241 -4.37 8.24 -8.69
C PHE A 241 -4.35 7.00 -9.57
N TRP A 242 -4.08 7.19 -10.86
CA TRP A 242 -3.93 6.02 -11.73
C TRP A 242 -2.92 6.31 -12.83
N GLY A 243 -2.37 5.22 -13.39
CA GLY A 243 -1.37 5.32 -14.42
C GLY A 243 -1.67 4.38 -15.57
N THR A 244 -0.88 4.53 -16.64
CA THR A 244 -1.03 3.75 -17.86
C THR A 244 0.14 2.77 -17.98
N PRO A 245 -0.10 1.45 -18.12
CA PRO A 245 -1.41 0.80 -18.12
C PRO A 245 -1.90 0.42 -16.72
N GLY A 246 -1.05 0.61 -15.72
CA GLY A 246 -1.38 0.19 -14.38
C GLY A 246 -1.26 -1.32 -14.23
N VAL A 247 -1.59 -1.79 -13.03
CA VAL A 247 -1.59 -3.22 -12.74
C VAL A 247 -2.93 -3.59 -12.10
N LEU A 248 -3.15 -3.15 -10.87
CA LEU A 248 -4.38 -3.49 -10.17
C LEU A 248 -5.56 -2.67 -10.66
N ILE A 249 -5.33 -1.47 -11.18
CA ILE A 249 -6.39 -0.59 -11.65
C ILE A 249 -6.09 -0.10 -13.06
N PRO A 250 -6.63 -0.73 -14.09
CA PRO A 250 -6.46 -0.22 -15.46
C PRO A 250 -7.16 1.11 -15.64
N PRO A 251 -6.80 1.88 -16.67
CA PRO A 251 -7.42 3.21 -16.86
C PRO A 251 -8.94 3.21 -16.92
N ALA A 252 -9.54 2.21 -17.59
CA ALA A 252 -10.99 2.17 -17.71
C ALA A 252 -11.66 1.98 -16.36
N GLU A 253 -11.11 1.08 -15.53
CA GLU A 253 -11.64 0.91 -14.18
C GLU A 253 -11.48 2.18 -13.36
N ALA A 254 -10.33 2.85 -13.48
CA ALA A 254 -10.12 4.09 -12.74
C ALA A 254 -11.13 5.15 -13.15
N ALA A 255 -11.45 5.24 -14.44
CA ALA A 255 -12.43 6.22 -14.91
C ALA A 255 -13.83 5.87 -14.39
N ARG A 256 -14.21 4.60 -14.47
CA ARG A 256 -15.49 4.16 -13.91
C ARG A 256 -15.61 4.53 -12.45
N LEU A 257 -14.57 4.24 -11.66
CA LEU A 257 -14.61 4.57 -10.24
C LEU A 257 -14.67 6.07 -10.01
N ALA A 258 -13.89 6.83 -10.77
CA ALA A 258 -13.90 8.29 -10.62
C ALA A 258 -15.29 8.86 -10.90
N LYS A 259 -16.02 8.24 -11.84
CA LYS A 259 -17.36 8.74 -12.12
C LYS A 259 -18.39 8.23 -11.11
N SER A 260 -18.14 7.09 -10.46
CA SER A 260 -19.13 6.52 -9.55
C SER A 260 -18.88 6.84 -8.08
N LEU A 261 -17.66 7.16 -7.68
CA LEU A 261 -17.36 7.34 -6.27
C LEU A 261 -17.74 8.74 -5.82
N PRO A 262 -18.41 8.89 -4.68
CA PRO A 262 -18.76 10.24 -4.19
C PRO A 262 -17.52 11.04 -3.84
N ASN A 263 -17.60 12.35 -4.10
CA ASN A 263 -16.57 13.32 -3.70
C ASN A 263 -15.17 12.84 -4.07
N CYS A 264 -15.00 12.48 -5.34
CA CYS A 264 -13.79 11.83 -5.81
C CYS A 264 -13.11 12.69 -6.87
N LYS A 265 -11.90 13.15 -6.55
CA LYS A 265 -11.01 13.76 -7.53
C LYS A 265 -10.06 12.68 -8.06
N ALA A 266 -9.90 12.63 -9.38
CA ALA A 266 -9.07 11.63 -10.02
C ALA A 266 -7.93 12.30 -10.77
N VAL A 267 -6.75 11.69 -10.73
CA VAL A 267 -5.55 12.22 -11.35
C VAL A 267 -4.84 11.11 -12.11
N ASP A 268 -4.62 11.34 -13.40
CA ASP A 268 -3.80 10.47 -14.24
C ASP A 268 -2.35 10.90 -14.11
N ILE A 269 -1.49 10.00 -13.64
CA ILE A 269 -0.08 10.32 -13.43
C ILE A 269 0.77 10.07 -14.66
N GLY A 270 0.17 9.60 -15.75
CA GLY A 270 0.91 9.31 -16.95
C GLY A 270 1.31 7.85 -17.00
N PRO A 271 2.50 7.57 -17.54
CA PRO A 271 2.99 6.19 -17.55
C PRO A 271 3.17 5.67 -16.12
N GLY A 272 2.64 4.48 -15.87
CA GLY A 272 2.70 3.90 -14.55
C GLY A 272 2.16 2.49 -14.47
N LEU A 273 2.75 1.67 -13.59
CA LEU A 273 2.34 0.29 -13.43
C LEU A 273 1.74 0.15 -12.03
N ASN A 274 2.46 -0.41 -11.06
CA ASN A 274 1.94 -0.55 -9.71
C ASN A 274 2.51 0.49 -8.74
N LEU A 275 3.84 0.60 -8.68
CA LEU A 275 4.48 1.59 -7.83
C LEU A 275 4.42 2.95 -8.51
N LEU A 276 3.23 3.55 -8.47
CA LEU A 276 3.05 4.87 -9.06
C LEU A 276 3.93 5.91 -8.40
N GLN A 277 4.24 5.73 -7.11
CA GLN A 277 5.09 6.68 -6.40
C GLN A 277 6.47 6.80 -7.03
N GLU A 278 6.95 5.74 -7.66
CA GLU A 278 8.29 5.73 -8.24
C GLU A 278 8.34 6.26 -9.67
N ASP A 279 7.20 6.42 -10.32
CA ASP A 279 7.17 6.96 -11.68
C ASP A 279 6.85 8.44 -11.74
N ASN A 280 5.97 8.94 -10.86
CA ASN A 280 5.59 10.34 -10.85
C ASN A 280 5.35 10.80 -9.42
N PRO A 281 6.42 10.86 -8.59
CA PRO A 281 6.23 11.34 -7.22
C PRO A 281 5.91 12.82 -7.15
N ASP A 282 6.44 13.64 -8.07
CA ASP A 282 6.17 15.07 -8.04
C ASP A 282 4.68 15.36 -8.13
N LEU A 283 4.03 14.81 -9.15
CA LEU A 283 2.60 15.05 -9.33
C LEU A 283 1.79 14.52 -8.15
N ILE A 284 2.14 13.33 -7.66
CA ILE A 284 1.38 12.73 -6.56
C ILE A 284 1.48 13.60 -5.31
N GLY A 285 2.70 13.97 -4.93
CA GLY A 285 2.87 14.80 -3.74
C GLY A 285 2.23 16.17 -3.87
N SER A 286 2.37 16.80 -5.05
CA SER A 286 1.78 18.12 -5.25
C SER A 286 0.27 18.06 -5.17
N GLU A 287 -0.33 17.05 -5.82
CA GLU A 287 -1.77 16.90 -5.79
C GLU A 287 -2.27 16.59 -4.40
N ILE A 288 -1.51 15.80 -3.62
CA ILE A 288 -1.95 15.50 -2.27
C ILE A 288 -1.91 16.75 -1.39
N ALA A 289 -0.86 17.55 -1.50
CA ALA A 289 -0.81 18.78 -0.71
C ALA A 289 -1.97 19.71 -1.07
N ARG A 290 -2.18 19.93 -2.37
CA ARG A 290 -3.28 20.79 -2.82
C ARG A 290 -4.63 20.24 -2.34
N TRP A 291 -4.82 18.93 -2.42
CA TRP A 291 -6.10 18.32 -2.07
C TRP A 291 -6.35 18.36 -0.57
N LEU A 292 -5.29 18.16 0.24
CA LEU A 292 -5.40 18.33 1.68
C LEU A 292 -5.87 19.74 2.01
N SER A 293 -5.43 20.72 1.23
CA SER A 293 -5.87 22.10 1.47
C SER A 293 -7.39 22.29 1.36
N THR A 294 -8.12 21.24 0.98
CA THR A 294 -9.57 21.33 0.79
C THR A 294 -10.37 20.47 1.75
N LEU A 295 -9.74 19.91 2.78
CA LEU A 295 -10.44 19.04 3.73
C LEU A 295 -10.86 19.80 4.98
C10 8MS B . 7.14 -6.71 -18.39
C13 8MS B . 5.40 -9.34 -16.66
C17 8MS B . 4.57 -8.47 -13.14
C20 8MS B . 4.24 -6.06 -11.16
C22 8MS B . 3.56 -5.85 -8.89
C24 8MS B . 1.88 -5.94 -6.93
C26 8MS B . 0.32 -5.03 -5.12
C01 8MS B . 7.88 -3.35 -16.79
C02 8MS B . 9.29 -3.35 -16.75
C03 8MS B . 10.01 -4.46 -17.25
C04 8MS B . 9.33 -5.54 -17.77
C05 8MS B . 7.88 -5.54 -17.82
C06 8MS B . 7.17 -4.46 -17.33
C12 8MS B . 5.61 -8.44 -17.83
C16 8MS B . 4.40 -9.25 -14.45
C19 8MS B . 3.18 -6.88 -11.96
C23 8MS B . 2.08 -6.01 -8.46
C25 8MS B . 0.43 -5.55 -6.56
C27 8MS B . -0.13 -6.14 -4.21
N07 8MS B . 9.98 -2.25 -16.21
N08 8MS B . 11.35 -2.10 -16.46
N09 8MS B . 11.84 -0.88 -15.87
N11 8MS B . 6.26 -7.21 -17.39
O14 8MS B . 8.02 -7.69 -18.76
O15 8MS B . 5.04 -8.52 -15.51
O18 8MS B . 3.74 -7.26 -13.20
O21 8MS B . 3.58 -5.28 -10.19
CL CL C . 0.79 -9.10 -3.49
#